data_5HI8
#
_entry.id   5HI8
#
_cell.length_a   63.290
_cell.length_b   61.680
_cell.length_c   93.340
_cell.angle_alpha   90.000
_cell.angle_beta   109.770
_cell.angle_gamma   90.000
#
_symmetry.space_group_name_H-M   'C 1 2 1'
#
loop_
_entity.id
_entity.type
_entity.pdbx_description
1 polymer 'Antenna protein'
2 non-polymer 'MAGNESIUM ION'
3 non-polymer 'ACETATE ION'
4 water water
#
_entity_poly.entity_id   1
_entity_poly.type   'polypeptide(L)'
_entity_poly.pdbx_seq_one_letter_code
;NSMIDKFCDWFEGEFDNWTQAASNPTKWAHIIVKHEKISEYKYHTSSRYSYMDKPYREQTVDIEYVCPELIIVHNPACDI
IFKWTGIYFEGESEPDCQWNGQPLDSKARLYADEYHTWDVGYWEGSEGFFHFKKNV
;
_entity_poly.pdbx_strand_id   A,B
#
# COMPACT_ATOMS: atom_id res chain seq x y z
N ASN A 1 -3.04 -25.38 12.61
CA ASN A 1 -2.02 -26.07 13.44
C ASN A 1 -0.59 -25.48 13.38
N SER A 2 -0.40 -24.17 13.62
CA SER A 2 -1.47 -23.19 13.73
C SER A 2 -1.95 -22.80 12.34
N MET A 3 -3.19 -22.35 12.23
CA MET A 3 -3.75 -22.05 10.92
C MET A 3 -3.03 -20.91 10.23
N ILE A 4 -2.62 -19.91 10.99
CA ILE A 4 -1.96 -18.75 10.38
C ILE A 4 -0.58 -19.13 9.84
N ASP A 5 0.13 -20.01 10.55
CA ASP A 5 1.42 -20.46 10.04
C ASP A 5 1.29 -21.31 8.77
N LYS A 6 0.24 -22.13 8.70
CA LYS A 6 -0.01 -22.93 7.50
C LYS A 6 -0.34 -21.98 6.34
N PHE A 7 -1.16 -20.96 6.62
CA PHE A 7 -1.52 -19.99 5.59
C PHE A 7 -0.27 -19.32 5.00
N CYS A 8 0.62 -18.86 5.89
CA CYS A 8 1.83 -18.17 5.50
C CYS A 8 2.77 -19.09 4.73
N ASP A 9 2.78 -20.37 5.06
CA ASP A 9 3.57 -21.32 4.29
C ASP A 9 3.07 -21.37 2.85
N TRP A 10 1.75 -21.45 2.68
CA TRP A 10 1.16 -21.56 1.34
C TRP A 10 1.24 -20.23 0.58
N PHE A 11 1.03 -19.15 1.32
CA PHE A 11 0.98 -17.80 0.75
C PHE A 11 2.33 -17.33 0.22
N GLU A 12 3.41 -17.61 0.95
CA GLU A 12 4.73 -17.14 0.54
C GLU A 12 5.21 -17.80 -0.76
N GLY A 13 5.84 -17.01 -1.63
CA GLY A 13 6.56 -17.55 -2.77
C GLY A 13 6.35 -16.74 -4.02
N GLU A 14 6.64 -17.38 -5.15
CA GLU A 14 6.42 -16.78 -6.47
C GLU A 14 5.51 -17.69 -7.28
N PHE A 15 4.55 -17.08 -7.94
CA PHE A 15 3.51 -17.79 -8.68
C PHE A 15 3.42 -17.23 -10.09
N ASP A 16 3.03 -18.07 -11.06
CA ASP A 16 2.76 -17.54 -12.40
C ASP A 16 1.76 -18.43 -13.15
N ASN A 17 1.08 -17.84 -14.12
CA ASN A 17 0.01 -18.50 -14.82
C ASN A 17 0.37 -18.91 -16.25
N TRP A 18 1.59 -19.37 -16.45
CA TRP A 18 2.05 -19.76 -17.78
C TRP A 18 1.07 -20.66 -18.54
N THR A 19 0.63 -21.75 -17.92
CA THR A 19 -0.25 -22.71 -18.60
C THR A 19 -1.54 -22.03 -19.06
N GLN A 20 -2.11 -21.21 -18.19
CA GLN A 20 -3.32 -20.47 -18.53
C GLN A 20 -3.08 -19.52 -19.69
N ALA A 21 -2.03 -18.71 -19.59
CA ALA A 21 -1.69 -17.74 -20.62
C ALA A 21 -1.42 -18.42 -21.96
N ALA A 22 -0.50 -19.38 -21.95
CA ALA A 22 -0.09 -20.08 -23.16
C ALA A 22 -1.29 -20.72 -23.85
N SER A 23 -2.23 -21.21 -23.05
CA SER A 23 -3.38 -21.93 -23.59
C SER A 23 -4.37 -21.01 -24.31
N ASN A 24 -4.36 -19.72 -23.97
CA ASN A 24 -5.18 -18.73 -24.67
C ASN A 24 -4.53 -17.35 -24.57
N PRO A 25 -3.46 -17.13 -25.36
CA PRO A 25 -2.59 -15.97 -25.14
C PRO A 25 -3.26 -14.64 -25.44
N THR A 26 -4.33 -14.68 -26.22
CA THR A 26 -5.05 -13.49 -26.62
C THR A 26 -6.05 -13.07 -25.53
N LYS A 27 -6.36 -13.99 -24.62
CA LYS A 27 -7.26 -13.71 -23.50
C LYS A 27 -6.51 -13.44 -22.20
N TRP A 28 -5.52 -14.26 -21.88
CA TRP A 28 -4.82 -14.14 -20.60
C TRP A 28 -3.38 -13.68 -20.75
N ALA A 29 -3.07 -12.57 -20.08
CA ALA A 29 -1.71 -12.12 -19.90
C ALA A 29 -0.92 -13.13 -19.08
N HIS A 30 0.37 -13.21 -19.32
CA HIS A 30 1.25 -14.02 -18.50
C HIS A 30 1.77 -13.12 -17.39
N ILE A 31 1.38 -13.43 -16.16
CA ILE A 31 1.66 -12.58 -15.00
C ILE A 31 2.38 -13.37 -13.92
N ILE A 32 3.31 -12.69 -13.26
CA ILE A 32 4.05 -13.26 -12.15
C ILE A 32 3.62 -12.55 -10.86
N VAL A 33 3.17 -13.34 -9.89
CA VAL A 33 2.77 -12.83 -8.57
C VAL A 33 3.86 -13.23 -7.59
N LYS A 34 4.33 -12.27 -6.80
CA LYS A 34 5.35 -12.54 -5.82
C LYS A 34 4.84 -12.11 -4.44
N HIS A 35 4.95 -13.03 -3.50
CA HIS A 35 4.59 -12.81 -2.10
C HIS A 35 5.87 -12.98 -1.31
N GLU A 36 6.57 -11.87 -1.06
CA GLU A 36 7.88 -11.93 -0.46
C GLU A 36 7.82 -11.64 1.02
N LYS A 37 8.37 -12.53 1.83
CA LYS A 37 8.29 -12.37 3.27
C LYS A 37 9.30 -11.34 3.75
N ILE A 38 8.78 -10.28 4.39
CA ILE A 38 9.62 -9.24 5.00
C ILE A 38 9.93 -9.63 6.43
N SER A 39 8.88 -9.93 7.18
CA SER A 39 8.98 -10.31 8.58
C SER A 39 7.97 -11.40 8.84
N GLU A 40 7.92 -11.93 10.06
CA GLU A 40 6.85 -12.84 10.40
C GLU A 40 5.52 -12.10 10.16
N TYR A 41 4.62 -12.75 9.43
CA TYR A 41 3.29 -12.20 9.19
C TYR A 41 3.32 -10.86 8.44
N LYS A 42 4.41 -10.59 7.72
CA LYS A 42 4.49 -9.38 6.90
C LYS A 42 5.04 -9.68 5.50
N TYR A 43 4.27 -9.38 4.47
CA TYR A 43 4.68 -9.68 3.10
C TYR A 43 4.60 -8.49 2.17
N HIS A 44 5.48 -8.46 1.19
CA HIS A 44 5.42 -7.51 0.13
C HIS A 44 4.83 -8.27 -1.05
N THR A 45 3.72 -7.79 -1.57
CA THR A 45 3.03 -8.49 -2.65
C THR A 45 3.12 -7.68 -3.94
N SER A 46 3.24 -8.37 -5.07
CA SER A 46 3.32 -7.66 -6.34
C SER A 46 2.90 -8.57 -7.50
N SER A 47 2.33 -7.94 -8.51
CA SER A 47 1.97 -8.58 -9.77
C SER A 47 2.65 -7.83 -10.90
N ARG A 48 3.22 -8.57 -11.84
CA ARG A 48 3.88 -7.95 -12.99
C ARG A 48 3.67 -8.79 -14.24
N TYR A 49 3.62 -8.14 -15.41
CA TYR A 49 3.70 -8.88 -16.66
C TYR A 49 5.09 -9.51 -16.71
N SER A 50 5.19 -10.75 -17.17
CA SER A 50 6.45 -11.48 -17.00
C SER A 50 7.61 -10.87 -17.81
N TYR A 51 7.31 -10.09 -18.85
CA TYR A 51 8.38 -9.42 -19.58
C TYR A 51 8.78 -8.07 -18.97
N MET A 52 8.16 -7.69 -17.85
CA MET A 52 8.49 -6.42 -17.19
C MET A 52 9.21 -6.67 -15.87
N ASP A 53 10.14 -5.79 -15.52
CA ASP A 53 10.72 -5.81 -14.19
C ASP A 53 9.81 -5.10 -13.17
N LYS A 54 9.18 -4.02 -13.58
CA LYS A 54 8.36 -3.24 -12.64
C LYS A 54 6.93 -3.79 -12.53
N PRO A 55 6.46 -4.07 -11.31
CA PRO A 55 5.08 -4.52 -11.17
C PRO A 55 4.08 -3.43 -11.54
N TYR A 56 2.87 -3.82 -11.92
CA TYR A 56 1.81 -2.87 -12.17
C TYR A 56 0.94 -2.69 -10.93
N ARG A 57 1.14 -3.60 -9.98
CA ARG A 57 0.31 -3.73 -8.78
C ARG A 57 1.26 -4.13 -7.66
N GLU A 58 1.22 -3.41 -6.56
CA GLU A 58 2.27 -3.54 -5.55
C GLU A 58 1.86 -3.00 -4.19
N GLN A 59 2.03 -3.80 -3.13
CA GLN A 59 1.72 -3.30 -1.78
C GLN A 59 2.28 -4.21 -0.70
N THR A 60 2.25 -3.75 0.56
CA THR A 60 2.74 -4.55 1.66
C THR A 60 1.53 -4.92 2.54
N VAL A 61 1.52 -6.16 3.01
CA VAL A 61 0.37 -6.65 3.77
C VAL A 61 0.82 -7.22 5.11
N ASP A 62 -0.05 -7.04 6.11
CA ASP A 62 0.08 -7.72 7.38
C ASP A 62 -0.84 -8.94 7.37
N ILE A 63 -0.37 -10.07 7.90
CA ILE A 63 -1.20 -11.25 8.03
C ILE A 63 -1.69 -11.32 9.48
N GLU A 64 -3.01 -11.26 9.64
CA GLU A 64 -3.65 -11.22 10.95
C GLU A 64 -4.51 -12.47 11.13
N TYR A 65 -4.59 -12.94 12.36
CA TYR A 65 -5.45 -14.06 12.70
C TYR A 65 -6.61 -13.55 13.53
N VAL A 66 -7.83 -13.91 13.14
CA VAL A 66 -9.03 -13.60 13.92
C VAL A 66 -9.67 -14.90 14.35
N CYS A 67 -9.62 -15.20 15.64
CA CYS A 67 -10.11 -16.48 16.11
C CYS A 67 -11.61 -16.63 15.91
N PRO A 68 -12.07 -17.84 15.56
CA PRO A 68 -11.34 -19.08 15.30
C PRO A 68 -11.07 -19.32 13.82
N GLU A 69 -11.88 -18.73 12.96
CA GLU A 69 -11.97 -19.18 11.57
C GLU A 69 -11.15 -18.39 10.57
N LEU A 70 -10.68 -17.20 10.91
CA LEU A 70 -10.30 -16.24 9.86
C LEU A 70 -8.83 -15.86 9.76
N ILE A 71 -8.37 -15.72 8.51
CA ILE A 71 -7.07 -15.13 8.25
C ILE A 71 -7.35 -13.89 7.42
N ILE A 72 -6.85 -12.76 7.88
CA ILE A 72 -6.98 -11.49 7.15
C ILE A 72 -5.64 -11.10 6.52
N VAL A 73 -5.64 -10.91 5.19
CA VAL A 73 -4.50 -10.30 4.52
C VAL A 73 -4.82 -8.82 4.45
N HIS A 74 -4.15 -8.07 5.34
CA HIS A 74 -4.54 -6.70 5.63
C HIS A 74 -3.74 -5.66 4.86
N ASN A 75 -4.47 -4.73 4.27
CA ASN A 75 -3.93 -3.47 3.81
C ASN A 75 -5.04 -2.44 3.93
N PRO A 76 -4.70 -1.19 4.29
CA PRO A 76 -5.77 -0.22 4.48
C PRO A 76 -6.65 -0.02 3.23
N ALA A 77 -6.10 -0.28 2.04
CA ALA A 77 -6.88 -0.14 0.83
C ALA A 77 -7.98 -1.20 0.75
N CYS A 78 -7.64 -2.41 1.16
CA CYS A 78 -8.54 -3.54 0.97
C CYS A 78 -8.06 -4.78 1.71
N ASP A 79 -8.78 -5.15 2.75
CA ASP A 79 -8.55 -6.41 3.43
C ASP A 79 -9.16 -7.56 2.66
N ILE A 80 -8.43 -8.67 2.57
CA ILE A 80 -8.99 -9.91 2.03
C ILE A 80 -9.14 -10.87 3.19
N ILE A 81 -10.34 -11.38 3.37
CA ILE A 81 -10.64 -12.23 4.54
C ILE A 81 -10.77 -13.68 4.11
N PHE A 82 -9.88 -14.53 4.61
CA PHE A 82 -9.85 -15.94 4.24
C PHE A 82 -10.47 -16.85 5.30
N LYS A 83 -11.21 -17.86 4.84
CA LYS A 83 -11.71 -18.93 5.72
C LYS A 83 -11.13 -20.26 5.24
N TRP A 84 -10.81 -21.16 6.18
CA TRP A 84 -10.37 -22.51 5.82
C TRP A 84 -11.59 -23.36 5.49
N THR A 85 -11.60 -24.01 4.34
CA THR A 85 -12.79 -24.75 3.91
C THR A 85 -12.73 -26.22 4.32
N GLY A 86 -11.52 -26.74 4.42
CA GLY A 86 -11.28 -28.14 4.67
C GLY A 86 -10.30 -28.63 3.62
N ILE A 87 -10.10 -27.79 2.60
CA ILE A 87 -9.29 -28.15 1.44
C ILE A 87 -8.39 -26.99 1.02
N TYR A 88 -8.91 -25.77 1.14
CA TYR A 88 -8.13 -24.59 0.78
C TYR A 88 -8.63 -23.38 1.53
N PHE A 89 -7.90 -22.27 1.40
CA PHE A 89 -8.33 -21.01 1.96
C PHE A 89 -9.14 -20.24 0.94
N GLU A 90 -10.36 -19.89 1.31
CA GLU A 90 -11.24 -19.13 0.43
C GLU A 90 -11.29 -17.69 0.90
N GLY A 91 -10.99 -16.76 0.01
CA GLY A 91 -10.88 -15.36 0.40
C GLY A 91 -11.81 -14.43 -0.35
N GLU A 92 -12.27 -13.40 0.34
CA GLU A 92 -13.17 -12.41 -0.25
C GLU A 92 -12.82 -11.05 0.32
N SER A 93 -12.88 -10.03 -0.52
CA SER A 93 -12.60 -8.67 -0.11
C SER A 93 -13.62 -8.15 0.90
N GLU A 94 -13.17 -7.30 1.81
CA GLU A 94 -14.09 -6.55 2.64
C GLU A 94 -14.96 -5.68 1.74
N PRO A 95 -16.14 -5.28 2.24
CA PRO A 95 -17.04 -4.40 1.48
C PRO A 95 -16.42 -3.08 1.00
N ASP A 96 -15.56 -2.46 1.79
CA ASP A 96 -15.01 -1.13 1.47
C ASP A 96 -13.78 -1.19 0.56
N CYS A 97 -13.58 -2.32 -0.07
CA CYS A 97 -12.42 -2.55 -0.91
C CYS A 97 -12.33 -1.54 -2.07
N GLN A 98 -11.20 -0.86 -2.17
CA GLN A 98 -10.90 0.04 -3.29
C GLN A 98 -9.42 -0.06 -3.68
N TRP A 99 -9.14 0.05 -4.97
CA TRP A 99 -7.76 0.03 -5.44
C TRP A 99 -7.19 1.45 -5.35
N ASN A 100 -7.51 2.29 -6.33
CA ASN A 100 -7.15 3.70 -6.30
C ASN A 100 -8.33 4.60 -6.66
N GLY A 101 -9.40 4.53 -5.87
CA GLY A 101 -10.58 5.35 -6.09
C GLY A 101 -11.73 4.59 -6.76
N GLN A 102 -11.45 3.40 -7.26
CA GLN A 102 -12.47 2.55 -7.88
C GLN A 102 -12.89 1.44 -6.92
N PRO A 103 -14.20 1.30 -6.66
CA PRO A 103 -14.65 0.15 -5.87
C PRO A 103 -14.26 -1.17 -6.54
N LEU A 104 -13.68 -2.07 -5.74
CA LEU A 104 -13.15 -3.33 -6.24
C LEU A 104 -13.81 -4.49 -5.49
N ASP A 105 -14.08 -5.57 -6.22
CA ASP A 105 -14.49 -6.82 -5.60
C ASP A 105 -13.41 -7.85 -5.90
N SER A 106 -12.85 -8.46 -4.85
CA SER A 106 -11.79 -9.46 -5.01
C SER A 106 -12.14 -10.77 -4.34
N LYS A 107 -11.75 -11.85 -5.01
CA LYS A 107 -11.84 -13.19 -4.48
C LYS A 107 -10.52 -13.88 -4.71
N ALA A 108 -10.17 -14.79 -3.81
CA ALA A 108 -8.95 -15.56 -3.97
C ALA A 108 -9.11 -16.95 -3.39
N ARG A 109 -8.42 -17.91 -3.98
CA ARG A 109 -8.30 -19.25 -3.44
C ARG A 109 -6.82 -19.56 -3.32
N LEU A 110 -6.43 -19.98 -2.13
CA LEU A 110 -5.06 -20.34 -1.82
C LEU A 110 -4.95 -21.83 -1.50
N TYR A 111 -4.20 -22.53 -2.33
CA TYR A 111 -3.95 -23.96 -2.21
C TYR A 111 -2.50 -24.14 -1.79
N ALA A 112 -2.12 -25.38 -1.53
CA ALA A 112 -0.74 -25.68 -1.16
C ALA A 112 0.27 -25.28 -2.23
N ASP A 113 -0.14 -25.31 -3.50
CA ASP A 113 0.77 -25.01 -4.60
C ASP A 113 0.14 -24.19 -5.72
N GLU A 114 -1.03 -23.62 -5.48
CA GLU A 114 -1.67 -22.71 -6.42
C GLU A 114 -2.36 -21.55 -5.70
N TYR A 115 -2.57 -20.48 -6.46
CA TYR A 115 -3.20 -19.26 -5.99
C TYR A 115 -4.08 -18.73 -7.11
N HIS A 116 -5.39 -18.71 -6.88
CA HIS A 116 -6.35 -18.27 -7.90
C HIS A 116 -6.92 -16.94 -7.47
N THR A 117 -6.95 -15.97 -8.39
CA THR A 117 -7.45 -14.65 -8.05
C THR A 117 -8.45 -14.14 -9.07
N TRP A 118 -9.35 -13.30 -8.57
CA TRP A 118 -10.51 -12.85 -9.29
C TRP A 118 -10.77 -11.42 -8.82
N ASP A 119 -10.52 -10.44 -9.69
CA ASP A 119 -10.67 -9.03 -9.33
C ASP A 119 -11.60 -8.34 -10.29
N VAL A 120 -12.57 -7.60 -9.74
CA VAL A 120 -13.58 -6.93 -10.54
C VAL A 120 -13.70 -5.48 -10.12
N GLY A 121 -13.53 -4.58 -11.09
CA GLY A 121 -13.70 -3.15 -10.84
C GLY A 121 -15.08 -2.67 -11.24
N TYR A 122 -15.58 -1.66 -10.55
CA TYR A 122 -16.91 -1.09 -10.81
C TYR A 122 -17.09 -0.74 -12.28
N TRP A 123 -16.12 -0.03 -12.85
CA TRP A 123 -16.19 0.46 -14.21
C TRP A 123 -15.48 -0.48 -15.18
N GLU A 124 -14.30 -0.95 -14.78
CA GLU A 124 -13.40 -1.69 -15.66
C GLU A 124 -13.80 -3.15 -15.82
N GLY A 125 -14.60 -3.66 -14.89
CA GLY A 125 -15.04 -5.04 -14.96
C GLY A 125 -13.91 -6.01 -14.66
N SER A 126 -13.91 -7.15 -15.34
CA SER A 126 -12.97 -8.24 -15.07
C SER A 126 -12.78 -9.20 -16.22
N GLU A 127 -11.68 -9.95 -16.15
CA GLU A 127 -11.40 -11.02 -17.11
C GLU A 127 -11.84 -12.40 -16.60
N GLY A 128 -11.97 -12.52 -15.29
CA GLY A 128 -12.29 -13.80 -14.65
C GLY A 128 -11.16 -14.27 -13.76
N PHE A 129 -11.16 -15.56 -13.43
CA PHE A 129 -10.19 -16.11 -12.47
C PHE A 129 -8.83 -16.42 -13.11
N PHE A 130 -7.77 -15.77 -12.62
CA PHE A 130 -6.40 -16.13 -12.96
C PHE A 130 -5.94 -17.35 -12.18
N HIS A 131 -5.20 -18.24 -12.85
CA HIS A 131 -4.77 -19.49 -12.23
C HIS A 131 -3.25 -19.50 -12.11
N PHE A 132 -2.76 -19.11 -10.94
CA PHE A 132 -1.32 -19.01 -10.71
C PHE A 132 -0.82 -20.28 -10.05
N LYS A 133 0.21 -20.88 -10.63
CA LYS A 133 0.83 -22.06 -10.04
C LYS A 133 2.13 -21.65 -9.39
N LYS A 134 2.38 -22.23 -8.22
CA LYS A 134 3.50 -21.83 -7.40
C LYS A 134 4.78 -22.42 -7.93
N ASN A 135 5.80 -21.58 -8.10
CA ASN A 135 7.08 -22.03 -8.62
C ASN A 135 7.89 -22.76 -7.58
N VAL A 136 8.65 -23.74 -8.06
CA VAL A 136 9.50 -24.56 -7.21
C VAL A 136 10.57 -23.70 -6.54
N ASN B 1 -8.25 18.39 20.14
CA ASN B 1 -9.65 18.85 20.39
C ASN B 1 -10.67 18.49 19.28
N SER B 2 -10.79 17.23 18.86
CA SER B 2 -9.89 16.15 19.22
C SER B 2 -8.63 16.23 18.36
N MET B 3 -7.53 15.71 18.86
CA MET B 3 -6.26 15.84 18.13
C MET B 3 -6.29 15.13 16.80
N ILE B 4 -6.96 14.00 16.72
CA ILE B 4 -6.95 13.23 15.48
C ILE B 4 -7.79 13.95 14.42
N ASP B 5 -8.88 14.59 14.83
CA ASP B 5 -9.66 15.36 13.86
C ASP B 5 -8.91 16.59 13.35
N LYS B 6 -8.15 17.25 14.21
CA LYS B 6 -7.32 18.38 13.78
C LYS B 6 -6.26 17.89 12.80
N PHE B 7 -5.64 16.76 13.12
CA PHE B 7 -4.62 16.19 12.23
C PHE B 7 -5.18 15.95 10.82
N CYS B 8 -6.35 15.32 10.76
CA CYS B 8 -7.00 14.97 9.51
C CYS B 8 -7.43 16.22 8.74
N ASP B 9 -7.78 17.28 9.45
CA ASP B 9 -8.07 18.54 8.78
C ASP B 9 -6.83 19.05 8.06
N TRP B 10 -5.69 19.03 8.75
CA TRP B 10 -4.44 19.53 8.17
C TRP B 10 -3.88 18.59 7.10
N PHE B 11 -4.01 17.30 7.34
CA PHE B 11 -3.46 16.26 6.47
C PHE B 11 -4.17 16.18 5.12
N GLU B 12 -5.49 16.33 5.11
CA GLU B 12 -6.24 16.20 3.87
C GLU B 12 -5.95 17.35 2.89
N GLY B 13 -5.86 17.01 1.60
CA GLY B 13 -5.79 18.01 0.57
C GLY B 13 -4.78 17.70 -0.51
N GLU B 14 -4.42 18.75 -1.27
CA GLU B 14 -3.41 18.66 -2.30
C GLU B 14 -2.32 19.68 -2.01
N PHE B 15 -1.07 19.22 -2.15
CA PHE B 15 0.10 20.02 -1.81
C PHE B 15 1.08 20.01 -2.96
N ASP B 16 1.85 21.09 -3.12
CA ASP B 16 2.93 21.07 -4.12
C ASP B 16 4.05 22.02 -3.73
N ASN B 17 5.24 21.75 -4.24
CA ASN B 17 6.43 22.50 -3.86
C ASN B 17 6.93 23.43 -4.96
N TRP B 18 6.03 24.10 -5.65
CA TRP B 18 6.40 25.00 -6.74
C TRP B 18 7.52 25.99 -6.38
N THR B 19 7.36 26.71 -5.27
CA THR B 19 8.34 27.72 -4.88
C THR B 19 9.73 27.10 -4.69
N GLN B 20 9.77 25.95 -4.02
CA GLN B 20 11.03 25.23 -3.83
C GLN B 20 11.65 24.82 -5.17
N ALA B 21 10.85 24.18 -6.01
CA ALA B 21 11.31 23.70 -7.31
C ALA B 21 11.81 24.86 -8.17
N ALA B 22 10.94 25.86 -8.35
CA ALA B 22 11.26 27.00 -9.21
C ALA B 22 12.54 27.68 -8.75
N SER B 23 12.74 27.72 -7.44
CA SER B 23 13.89 28.44 -6.88
C SER B 23 15.21 27.74 -7.15
N ASN B 24 15.18 26.43 -7.37
CA ASN B 24 16.36 25.67 -7.77
C ASN B 24 15.96 24.44 -8.60
N PRO B 25 15.60 24.66 -9.87
CA PRO B 25 14.93 23.62 -10.67
C PRO B 25 15.81 22.42 -10.98
N THR B 26 17.12 22.60 -10.88
CA THR B 26 18.08 21.56 -11.17
C THR B 26 18.29 20.65 -9.95
N LYS B 27 17.87 21.12 -8.78
CA LYS B 27 17.97 20.34 -7.55
C LYS B 27 16.63 19.70 -7.15
N TRP B 28 15.55 20.46 -7.21
CA TRP B 28 14.24 19.98 -6.75
C TRP B 28 13.25 19.79 -7.88
N ALA B 29 12.75 18.57 -7.99
CA ALA B 29 11.62 18.26 -8.83
C ALA B 29 10.37 18.98 -8.34
N HIS B 30 9.48 19.31 -9.26
CA HIS B 30 8.19 19.86 -8.88
C HIS B 30 7.23 18.70 -8.75
N ILE B 31 6.78 18.46 -7.52
CA ILE B 31 5.97 17.29 -7.15
C ILE B 31 4.67 17.72 -6.49
N ILE B 32 3.62 16.98 -6.82
CA ILE B 32 2.30 17.20 -6.26
C ILE B 32 1.98 16.01 -5.34
N VAL B 33 1.68 16.31 -4.09
CA VAL B 33 1.26 15.30 -3.10
C VAL B 33 -0.23 15.46 -2.91
N LYS B 34 -0.96 14.34 -2.99
CA LYS B 34 -2.39 14.38 -2.76
C LYS B 34 -2.75 13.40 -1.64
N HIS B 35 -3.49 13.93 -0.68
CA HIS B 35 -4.02 13.17 0.46
C HIS B 35 -5.53 13.20 0.33
N GLU B 36 -6.09 12.17 -0.31
CA GLU B 36 -7.50 12.19 -0.64
C GLU B 36 -8.29 11.36 0.36
N LYS B 37 -9.33 11.94 0.94
CA LYS B 37 -10.09 11.25 1.96
C LYS B 37 -11.06 10.24 1.34
N ILE B 38 -10.89 8.98 1.72
CA ILE B 38 -11.77 7.90 1.27
C ILE B 38 -12.92 7.78 2.25
N SER B 39 -12.57 7.64 3.52
CA SER B 39 -13.52 7.49 4.60
C SER B 39 -13.01 8.28 5.80
N GLU B 40 -13.77 8.31 6.89
CA GLU B 40 -13.23 8.89 8.11
C GLU B 40 -11.95 8.14 8.46
N TYR B 41 -10.87 8.88 8.71
CA TYR B 41 -9.60 8.30 9.11
C TYR B 41 -9.00 7.34 8.07
N LYS B 42 -9.38 7.50 6.80
CA LYS B 42 -8.83 6.69 5.73
C LYS B 42 -8.49 7.55 4.50
N TYR B 43 -7.22 7.54 4.09
CA TYR B 43 -6.78 8.38 2.99
C TYR B 43 -6.00 7.62 1.93
N HIS B 44 -6.14 8.05 0.70
CA HIS B 44 -5.34 7.55 -0.38
C HIS B 44 -4.28 8.62 -0.60
N THR B 45 -3.02 8.25 -0.48
CA THR B 45 -1.91 9.18 -0.60
C THR B 45 -1.11 8.91 -1.89
N SER B 46 -0.63 9.98 -2.49
CA SER B 46 0.17 9.83 -3.73
C SER B 46 1.05 11.02 -3.97
N SER B 47 2.18 10.75 -4.61
CA SER B 47 3.13 11.75 -5.04
C SER B 47 3.37 11.56 -6.53
N ARG B 48 3.38 12.66 -7.28
CA ARG B 48 3.62 12.59 -8.72
C ARG B 48 4.41 13.80 -9.19
N TYR B 49 5.23 13.62 -10.23
CA TYR B 49 5.81 14.76 -10.91
C TYR B 49 4.65 15.53 -11.52
N SER B 50 4.68 16.86 -11.47
CA SER B 50 3.49 17.62 -11.81
C SER B 50 3.12 17.52 -13.29
N TYR B 51 4.05 17.13 -14.16
CA TYR B 51 3.74 16.93 -15.58
C TYR B 51 3.23 15.51 -15.87
N MET B 52 3.11 14.67 -14.85
CA MET B 52 2.62 13.30 -15.03
C MET B 52 1.23 13.15 -14.43
N ASP B 53 0.40 12.31 -15.04
CA ASP B 53 -0.86 11.92 -14.41
C ASP B 53 -0.65 10.78 -13.39
N LYS B 54 0.23 9.85 -13.71
CA LYS B 54 0.42 8.68 -12.83
C LYS B 54 1.43 8.97 -11.71
N PRO B 55 1.03 8.72 -10.46
CA PRO B 55 2.00 8.91 -9.37
C PRO B 55 3.15 7.90 -9.45
N TYR B 56 4.30 8.26 -8.88
CA TYR B 56 5.42 7.33 -8.76
C TYR B 56 5.39 6.61 -7.43
N ARG B 57 4.55 7.12 -6.53
CA ARG B 57 4.49 6.71 -5.14
C ARG B 57 3.03 6.78 -4.74
N GLU B 58 2.49 5.70 -4.18
CA GLU B 58 1.04 5.59 -4.04
C GLU B 58 0.62 4.54 -3.02
N GLN B 59 -0.24 4.90 -2.06
CA GLN B 59 -0.74 3.91 -1.10
C GLN B 59 -1.94 4.42 -0.31
N THR B 60 -2.60 3.54 0.43
CA THR B 60 -3.74 3.93 1.23
C THR B 60 -3.33 3.81 2.71
N VAL B 61 -3.75 4.77 3.51
CA VAL B 61 -3.36 4.80 4.91
C VAL B 61 -4.58 4.88 5.83
N ASP B 62 -4.45 4.26 7.00
CA ASP B 62 -5.40 4.41 8.07
C ASP B 62 -4.82 5.43 9.06
N ILE B 63 -5.66 6.35 9.55
CA ILE B 63 -5.22 7.29 10.58
C ILE B 63 -5.70 6.75 11.93
N GLU B 64 -4.74 6.48 12.82
CA GLU B 64 -5.01 5.87 14.13
C GLU B 64 -4.59 6.83 15.24
N TYR B 65 -5.31 6.80 16.34
CA TYR B 65 -4.96 7.60 17.50
C TYR B 65 -4.46 6.68 18.59
N VAL B 66 -3.30 7.01 19.16
CA VAL B 66 -2.78 6.29 20.31
C VAL B 66 -2.68 7.26 21.47
N CYS B 67 -3.52 7.05 22.48
CA CYS B 67 -3.58 8.00 23.58
C CYS B 67 -2.26 8.02 24.36
N PRO B 68 -1.86 9.21 24.84
CA PRO B 68 -2.45 10.53 24.68
C PRO B 68 -1.83 11.33 23.53
N GLU B 69 -0.60 10.99 23.17
CA GLU B 69 0.24 11.91 22.42
C GLU B 69 0.30 11.65 20.93
N LEU B 70 -0.13 10.49 20.46
CA LEU B 70 0.32 10.05 19.12
C LEU B 70 -0.75 9.93 18.05
N ILE B 71 -0.37 10.30 16.83
CA ILE B 71 -1.17 10.02 15.64
C ILE B 71 -0.31 9.16 14.76
N ILE B 72 -0.84 8.00 14.38
CA ILE B 72 -0.14 7.09 13.48
C ILE B 72 -0.77 7.14 12.09
N VAL B 73 0.04 7.44 11.07
CA VAL B 73 -0.39 7.27 9.69
C VAL B 73 0.08 5.89 9.30
N HIS B 74 -0.86 4.96 9.25
CA HIS B 74 -0.56 3.54 9.16
C HIS B 74 -0.62 2.96 7.76
N ASN B 75 0.43 2.23 7.43
CA ASN B 75 0.44 1.31 6.31
C ASN B 75 1.37 0.17 6.68
N PRO B 76 1.05 -1.07 6.27
CA PRO B 76 1.92 -2.15 6.70
C PRO B 76 3.37 -2.00 6.24
N ALA B 77 3.61 -1.26 5.16
CA ALA B 77 4.97 -1.05 4.70
C ALA B 77 5.75 -0.18 5.68
N CYS B 78 5.09 0.84 6.24
CA CYS B 78 5.78 1.84 7.04
C CYS B 78 4.80 2.77 7.74
N ASP B 79 4.71 2.64 9.06
CA ASP B 79 3.95 3.57 9.88
C ASP B 79 4.74 4.84 10.12
N ILE B 80 4.07 5.98 10.02
CA ILE B 80 4.69 7.24 10.40
C ILE B 80 4.01 7.70 11.66
N ILE B 81 4.79 7.93 12.70
CA ILE B 81 4.23 8.27 14.03
C ILE B 81 4.41 9.74 14.31
N PHE B 82 3.29 10.45 14.45
CA PHE B 82 3.30 11.89 14.71
C PHE B 82 3.07 12.25 16.17
N LYS B 83 3.79 13.26 16.66
CA LYS B 83 3.55 13.87 17.96
C LYS B 83 3.20 15.34 17.77
N TRP B 84 2.27 15.87 18.57
CA TRP B 84 1.96 17.30 18.55
C TRP B 84 3.02 18.04 19.35
N THR B 85 3.64 19.07 18.77
CA THR B 85 4.74 19.76 19.45
C THR B 85 4.26 20.97 20.25
N GLY B 86 3.17 21.56 19.80
CA GLY B 86 2.66 22.79 20.34
C GLY B 86 2.44 23.76 19.18
N ILE B 87 3.00 23.39 18.03
CA ILE B 87 3.00 24.25 16.85
C ILE B 87 2.67 23.44 15.58
N TYR B 88 3.16 22.21 15.53
CA TYR B 88 2.90 21.35 14.38
C TYR B 88 3.02 19.89 14.77
N PHE B 89 2.66 19.01 13.83
CA PHE B 89 2.82 17.59 14.03
C PHE B 89 4.16 17.15 13.48
N GLU B 90 4.97 16.55 14.34
CA GLU B 90 6.28 16.06 13.97
C GLU B 90 6.22 14.55 13.81
N GLY B 91 6.64 14.05 12.66
CA GLY B 91 6.48 12.65 12.33
C GLY B 91 7.78 11.96 11.99
N GLU B 92 7.88 10.68 12.39
CA GLU B 92 9.06 9.87 12.15
C GLU B 92 8.61 8.45 11.87
N SER B 93 9.29 7.81 10.92
CA SER B 93 8.99 6.43 10.55
C SER B 93 9.28 5.47 11.69
N GLU B 94 8.49 4.41 11.76
CA GLU B 94 8.82 3.30 12.63
C GLU B 94 10.16 2.70 12.19
N PRO B 95 10.85 2.01 13.10
CA PRO B 95 12.13 1.36 12.78
C PRO B 95 12.09 0.40 11.58
N ASP B 96 11.01 -0.35 11.40
CA ASP B 96 10.94 -1.40 10.35
C ASP B 96 10.49 -0.86 8.99
N CYS B 97 10.57 0.45 8.82
CA CYS B 97 10.11 1.12 7.62
C CYS B 97 10.84 0.62 6.37
N GLN B 98 10.08 0.17 5.38
CA GLN B 98 10.62 -0.20 4.07
C GLN B 98 9.67 0.21 2.95
N TRP B 99 10.23 0.62 1.81
CA TRP B 99 9.40 0.99 0.67
C TRP B 99 9.08 -0.28 -0.13
N ASN B 100 10.02 -0.73 -0.94
CA ASN B 100 9.89 -2.01 -1.65
C ASN B 100 11.16 -2.85 -1.54
N GLY B 101 11.53 -3.20 -0.31
CA GLY B 101 12.72 -4.02 -0.08
C GLY B 101 13.92 -3.23 0.42
N GLN B 102 13.84 -1.91 0.32
CA GLN B 102 14.92 -1.04 0.79
C GLN B 102 14.54 -0.42 2.13
N PRO B 103 15.42 -0.54 3.14
CA PRO B 103 15.17 0.18 4.40
C PRO B 103 15.07 1.68 4.17
N LEU B 104 14.03 2.28 4.73
CA LEU B 104 13.73 3.70 4.54
C LEU B 104 13.68 4.42 5.88
N ASP B 105 14.18 5.64 5.92
CA ASP B 105 13.99 6.52 7.07
C ASP B 105 13.18 7.71 6.59
N SER B 106 12.03 7.96 7.22
CA SER B 106 11.16 9.07 6.84
C SER B 106 10.88 10.00 8.00
N LYS B 107 10.85 11.29 7.69
CA LYS B 107 10.41 12.30 8.63
C LYS B 107 9.41 13.19 7.93
N ALA B 108 8.48 13.74 8.70
CA ALA B 108 7.52 14.67 8.14
C ALA B 108 7.14 15.73 9.16
N ARG B 109 6.83 16.92 8.68
CA ARG B 109 6.22 17.96 9.49
C ARG B 109 4.92 18.38 8.83
N LEU B 110 3.86 18.38 9.63
CA LEU B 110 2.53 18.78 9.17
C LEU B 110 2.07 20.05 9.86
N TYR B 111 1.89 21.10 9.07
CA TYR B 111 1.42 22.40 9.54
C TYR B 111 0.00 22.60 9.04
N ALA B 112 -0.61 23.70 9.45
CA ALA B 112 -1.97 24.00 9.02
C ALA B 112 -2.08 24.16 7.49
N ASP B 113 -1.02 24.60 6.84
CA ASP B 113 -1.05 24.84 5.39
C ASP B 113 0.23 24.41 4.66
N GLU B 114 1.09 23.66 5.34
CA GLU B 114 2.28 23.07 4.70
C GLU B 114 2.54 21.65 5.20
N TYR B 115 3.29 20.92 4.39
CA TYR B 115 3.67 19.54 4.66
C TYR B 115 5.10 19.36 4.17
N HIS B 116 6.01 19.08 5.10
CA HIS B 116 7.42 18.94 4.78
C HIS B 116 7.81 17.48 4.92
N THR B 117 8.49 16.92 3.93
CA THR B 117 8.86 15.52 3.99
C THR B 117 10.32 15.31 3.68
N TRP B 118 10.83 14.23 4.25
CA TRP B 118 12.25 13.92 4.26
C TRP B 118 12.36 12.40 4.23
N ASP B 119 12.81 11.86 3.11
CA ASP B 119 12.89 10.42 2.92
C ASP B 119 14.29 10.01 2.54
N VAL B 120 14.82 9.01 3.24
CA VAL B 120 16.17 8.54 3.01
C VAL B 120 16.21 7.04 2.84
N GLY B 121 16.76 6.57 1.72
CA GLY B 121 16.93 5.16 1.47
C GLY B 121 18.33 4.69 1.84
N TYR B 122 18.45 3.42 2.25
CA TYR B 122 19.72 2.84 2.65
C TYR B 122 20.79 3.02 1.57
N TRP B 123 20.43 2.71 0.33
CA TRP B 123 21.37 2.75 -0.79
C TRP B 123 21.25 4.06 -1.57
N GLU B 124 20.01 4.49 -1.81
CA GLU B 124 19.73 5.60 -2.70
C GLU B 124 19.95 6.96 -2.03
N GLY B 125 19.98 6.99 -0.71
CA GLY B 125 20.19 8.23 0.00
C GLY B 125 19.00 9.15 -0.08
N SER B 126 19.26 10.45 -0.16
CA SER B 126 18.21 11.48 -0.12
C SER B 126 18.62 12.82 -0.72
N GLU B 127 17.61 13.63 -1.05
CA GLU B 127 17.81 14.99 -1.51
C GLU B 127 17.70 16.02 -0.37
N GLY B 128 16.99 15.64 0.69
CA GLY B 128 16.72 16.53 1.81
C GLY B 128 15.22 16.80 1.95
N PHE B 129 14.87 17.86 2.66
CA PHE B 129 13.47 18.15 2.98
C PHE B 129 12.71 18.83 1.83
N PHE B 130 11.67 18.18 1.31
CA PHE B 130 10.71 18.81 0.40
C PHE B 130 9.75 19.71 1.14
N HIS B 131 9.44 20.86 0.54
CA HIS B 131 8.58 21.85 1.18
C HIS B 131 7.30 22.00 0.37
N PHE B 132 6.26 21.29 0.79
CA PHE B 132 5.01 21.29 0.06
C PHE B 132 4.05 22.29 0.70
N LYS B 133 3.50 23.19 -0.10
CA LYS B 133 2.51 24.13 0.38
C LYS B 133 1.13 23.67 -0.06
N LYS B 134 0.17 23.79 0.84
CA LYS B 134 -1.16 23.28 0.62
C LYS B 134 -1.93 24.19 -0.32
N ASN B 135 -2.55 23.60 -1.33
CA ASN B 135 -3.31 24.37 -2.31
C ASN B 135 -4.66 24.76 -1.77
N VAL B 136 -5.11 25.93 -2.20
CA VAL B 136 -6.39 26.48 -1.80
C VAL B 136 -7.53 25.58 -2.26
#